data_8CAY
#
_entry.id   8CAY
#
_cell.length_a   107.100
_cell.length_b   40.209
_cell.length_c   103.425
_cell.angle_alpha   90.00
_cell.angle_beta   114.43
_cell.angle_gamma   90.00
#
_symmetry.space_group_name_H-M   'C 1 2 1'
#
loop_
_entity.id
_entity.type
_entity.pdbx_description
1 polymer 'Agrocinopine utilization periplasmic binding protein AccA'
2 non-polymer 'Agrocinopine D-like (C2-C2 linked; with an alpha and beta-D-glucopyranose)'
3 non-polymer 'Agrocinopine D-like (C2-C2 linked; with two alpha-D-glucopyranoses)'
4 non-polymer 'SODIUM ION'
5 non-polymer DI(HYDROXYETHYL)ETHER
6 water water
#
_entity_poly.entity_id   1
_entity_poly.type   'polypeptide(L)'
_entity_poly.pdbx_seq_one_letter_code
;DRRALRIGVNGLPPSLEPINGISNTGPRIINQIFDALIRRDYFADGAKGNNIKLVPALAESFERIDDKSIRFKLRQGVKF
HNGAEMTAEDVAFTFSSERLWGDEAIKTVPNGRNFSPNWDEPVVEDKYTVVLRTKTPSYLIEKYLGSWLGPIVPKEYYKS
LGAVAFGNKPIGTGPYKFRELVANDHVTLEANDGYWGDKPTASTITYQVVAEPATRVAGLISGEYDIITTLTPDDMALVD
GYSDLETRGTLIENLHMFTFNMNQPIFQNKTLRRALALAVNRPLIVEALWKNKASIPNGFNFPHYGATYDPKRKPMEFNL
KEAKRLVKESGYDGTPITYHTMGNYYANAVPALMMMIEMWKAAGITVVPKIFAPGTTPKDSDILIRNWSNGQWLTDGLTT
MVSEFGPGRGVQKRWGWKAPAEFNNLCDQVAQLKDGEERSAAFNRLRDIFEDEAPAVLMYQPYDVYAARKDVQWSPVSFE
TMEFRGNLNFK
;
_entity_poly.pdbx_strand_id   A
#
# COMPACT_ATOMS: atom_id res chain seq x y z
N ASP A 1 -7.17 -19.17 -27.30
CA ASP A 1 -8.57 -18.74 -27.37
C ASP A 1 -8.95 -17.72 -26.29
N ARG A 2 -8.30 -17.75 -25.09
CA ARG A 2 -8.64 -16.79 -24.05
C ARG A 2 -8.15 -15.41 -24.46
N ARG A 3 -8.91 -14.38 -24.09
CA ARG A 3 -8.60 -13.01 -24.43
C ARG A 3 -7.34 -12.51 -23.70
N ALA A 4 -6.54 -11.66 -24.38
CA ALA A 4 -5.35 -11.07 -23.79
C ALA A 4 -5.75 -9.75 -23.13
N LEU A 5 -5.41 -9.56 -21.84
CA LEU A 5 -5.78 -8.38 -21.06
C LEU A 5 -4.64 -7.35 -21.08
N ARG A 6 -4.97 -6.10 -21.41
CA ARG A 6 -4.02 -5.00 -21.50
C ARG A 6 -4.50 -3.95 -20.52
N ILE A 7 -3.68 -3.67 -19.49
CA ILE A 7 -3.99 -2.74 -18.43
C ILE A 7 -2.99 -1.61 -18.55
N GLY A 8 -3.49 -0.40 -18.67
CA GLY A 8 -2.68 0.82 -18.67
C GLY A 8 -2.51 1.27 -17.24
N VAL A 9 -1.28 1.29 -16.78
CA VAL A 9 -0.96 1.57 -15.37
C VAL A 9 -0.21 2.90 -15.17
N ASN A 10 -0.24 3.43 -13.94
CA ASN A 10 0.47 4.66 -13.57
C ASN A 10 1.99 4.45 -13.48
N GLY A 11 2.40 3.24 -13.17
CA GLY A 11 3.79 2.84 -13.11
C GLY A 11 3.95 1.38 -12.80
N LEU A 12 5.20 0.94 -12.78
CA LEU A 12 5.55 -0.41 -12.40
C LEU A 12 6.29 -0.39 -11.05
N PRO A 13 6.19 -1.48 -10.28
CA PRO A 13 6.89 -1.52 -8.99
C PRO A 13 8.40 -1.58 -9.17
N PRO A 14 9.20 -1.30 -8.11
CA PRO A 14 10.66 -1.42 -8.26
C PRO A 14 11.16 -2.86 -8.34
N SER A 15 10.30 -3.81 -7.93
CA SER A 15 10.59 -5.23 -7.87
C SER A 15 9.28 -6.02 -7.82
N LEU A 16 9.34 -7.28 -8.25
CA LEU A 16 8.23 -8.21 -8.12
C LEU A 16 8.48 -9.22 -6.98
N GLU A 17 9.51 -8.99 -6.14
CA GLU A 17 9.73 -9.77 -4.92
C GLU A 17 8.57 -9.26 -3.99
N PRO A 18 7.76 -10.15 -3.41
CA PRO A 18 6.55 -9.67 -2.70
C PRO A 18 6.66 -8.50 -1.74
N ILE A 19 7.72 -8.42 -0.89
CA ILE A 19 7.88 -7.34 0.08
C ILE A 19 8.48 -6.08 -0.56
N ASN A 20 9.56 -6.25 -1.32
CA ASN A 20 10.20 -5.14 -1.98
C ASN A 20 9.27 -4.44 -3.01
N GLY A 21 8.27 -5.15 -3.52
CA GLY A 21 7.29 -4.59 -4.43
C GLY A 21 6.08 -3.95 -3.78
N ILE A 22 6.03 -3.88 -2.45
CA ILE A 22 4.95 -3.21 -1.71
C ILE A 22 4.96 -1.74 -2.12
N SER A 23 3.91 -1.36 -2.83
CA SER A 23 3.74 -0.07 -3.47
C SER A 23 2.31 0.03 -4.00
N ASN A 24 1.92 1.21 -4.53
CA ASN A 24 0.62 1.31 -5.20
C ASN A 24 0.57 0.50 -6.52
N THR A 25 1.74 0.18 -7.10
CA THR A 25 1.87 -0.44 -8.42
C THR A 25 2.19 -1.93 -8.41
N GLY A 26 2.67 -2.45 -7.30
CA GLY A 26 3.10 -3.83 -7.17
C GLY A 26 2.04 -4.87 -6.96
N PRO A 27 1.20 -4.74 -5.91
CA PRO A 27 0.18 -5.74 -5.63
C PRO A 27 -0.68 -6.19 -6.81
N ARG A 28 -1.06 -5.27 -7.72
CA ARG A 28 -1.86 -5.62 -8.88
C ARG A 28 -1.20 -6.67 -9.81
N ILE A 29 0.15 -6.76 -9.75
CA ILE A 29 0.95 -7.74 -10.49
C ILE A 29 1.26 -8.92 -9.58
N ILE A 30 1.81 -8.62 -8.39
CA ILE A 30 2.27 -9.61 -7.39
C ILE A 30 1.15 -10.58 -6.98
N ASN A 31 -0.04 -10.08 -6.79
CA ASN A 31 -1.20 -10.90 -6.40
C ASN A 31 -1.58 -11.96 -7.43
N GLN A 32 -1.12 -11.82 -8.71
CA GLN A 32 -1.40 -12.80 -9.77
C GLN A 32 -0.33 -13.88 -9.82
N ILE A 33 0.91 -13.51 -9.50
CA ILE A 33 2.05 -14.42 -9.53
C ILE A 33 2.06 -15.31 -8.30
N PHE A 34 1.59 -14.80 -7.16
CA PHE A 34 1.67 -15.49 -5.88
C PHE A 34 0.34 -15.73 -5.16
N ASP A 35 0.36 -16.65 -4.19
CA ASP A 35 -0.71 -16.91 -3.26
C ASP A 35 -0.13 -16.85 -1.86
N ALA A 36 -0.96 -16.48 -0.89
CA ALA A 36 -0.58 -16.48 0.52
C ALA A 36 -1.26 -17.76 1.16
N LEU A 37 -1.04 -18.02 2.43
CA LEU A 37 -1.69 -19.11 3.17
C LEU A 37 -3.18 -18.85 3.33
N ILE A 38 -3.55 -17.58 3.49
CA ILE A 38 -4.85 -17.04 3.78
C ILE A 38 -5.11 -15.93 2.71
N ARG A 39 -6.34 -15.82 2.20
CA ARG A 39 -6.67 -14.80 1.21
C ARG A 39 -7.90 -14.05 1.65
N ARG A 40 -7.91 -12.75 1.42
CA ARG A 40 -9.06 -11.94 1.71
C ARG A 40 -10.18 -12.15 0.69
N ASP A 41 -11.36 -12.55 1.14
CA ASP A 41 -12.52 -12.77 0.28
C ASP A 41 -13.28 -11.44 0.23
N TYR A 42 -12.82 -10.53 -0.61
CA TYR A 42 -13.39 -9.20 -0.73
C TYR A 42 -14.89 -9.13 -1.03
N PHE A 43 -15.43 -10.07 -1.84
CA PHE A 43 -16.84 -10.10 -2.24
C PHE A 43 -17.72 -11.08 -1.47
N ALA A 44 -17.30 -11.55 -0.30
CA ALA A 44 -18.13 -12.43 0.52
C ALA A 44 -19.41 -11.69 0.96
N ASP A 45 -20.53 -12.42 1.03
CA ASP A 45 -21.84 -11.91 1.43
C ASP A 45 -22.35 -10.71 0.62
N GLY A 46 -22.04 -10.64 -0.68
CA GLY A 46 -22.49 -9.51 -1.49
C GLY A 46 -21.75 -8.23 -1.22
N ALA A 47 -20.62 -8.27 -0.48
CA ALA A 47 -19.83 -7.05 -0.22
C ALA A 47 -19.35 -6.45 -1.52
N LYS A 48 -19.35 -5.14 -1.61
CA LYS A 48 -18.88 -4.43 -2.81
C LYS A 48 -17.36 -4.36 -2.79
N GLY A 49 -16.70 -5.52 -2.74
CA GLY A 49 -15.24 -5.58 -2.77
C GLY A 49 -14.51 -5.12 -1.52
N ASN A 50 -15.20 -5.00 -0.37
CA ASN A 50 -14.57 -4.54 0.86
C ASN A 50 -14.70 -5.47 2.07
N ASN A 51 -15.10 -6.74 1.88
CA ASN A 51 -15.21 -7.66 3.01
C ASN A 51 -13.79 -8.01 3.49
N ILE A 52 -13.65 -8.18 4.81
CA ILE A 52 -12.36 -8.51 5.42
C ILE A 52 -12.18 -10.01 5.70
N LYS A 53 -13.24 -10.85 5.50
CA LYS A 53 -13.17 -12.30 5.74
C LYS A 53 -11.93 -12.94 5.11
N LEU A 54 -11.20 -13.70 5.89
CA LEU A 54 -9.99 -14.35 5.44
C LEU A 54 -10.33 -15.83 5.24
N VAL A 55 -10.02 -16.40 4.07
CA VAL A 55 -10.38 -17.79 3.73
C VAL A 55 -9.16 -18.66 3.41
N PRO A 56 -9.25 -20.02 3.44
CA PRO A 56 -8.07 -20.83 3.15
C PRO A 56 -7.56 -20.60 1.75
N ALA A 57 -6.25 -20.51 1.57
CA ALA A 57 -5.68 -20.37 0.25
C ALA A 57 -4.57 -21.47 0.17
N LEU A 58 -3.24 -21.23 0.30
CA LEU A 58 -2.27 -22.32 0.33
C LEU A 58 -2.38 -23.16 1.63
N ALA A 59 -3.04 -22.63 2.66
CA ALA A 59 -3.37 -23.40 3.84
C ALA A 59 -4.74 -23.96 3.58
N GLU A 60 -4.83 -25.27 3.40
CA GLU A 60 -6.07 -26.07 3.29
C GLU A 60 -6.94 -25.77 4.53
N SER A 61 -6.29 -25.74 5.71
CA SER A 61 -6.93 -25.50 7.00
C SER A 61 -5.93 -24.78 7.92
N PHE A 62 -6.43 -24.13 8.97
CA PHE A 62 -5.54 -23.49 9.94
C PHE A 62 -6.25 -23.32 11.27
N GLU A 63 -5.49 -23.50 12.37
CA GLU A 63 -6.01 -23.37 13.72
C GLU A 63 -5.08 -22.57 14.60
N ARG A 64 -5.63 -21.56 15.29
CA ARG A 64 -4.87 -20.81 16.25
C ARG A 64 -4.59 -21.72 17.45
N ILE A 65 -3.32 -21.84 17.83
CA ILE A 65 -2.92 -22.70 18.95
C ILE A 65 -3.17 -21.92 20.26
N ASP A 66 -2.61 -20.71 20.37
CA ASP A 66 -2.73 -19.85 21.55
C ASP A 66 -2.62 -18.36 21.09
N ASP A 67 -2.39 -17.40 22.01
CA ASP A 67 -2.26 -15.99 21.64
C ASP A 67 -1.01 -15.63 20.82
N LYS A 68 -0.15 -16.60 20.44
CA LYS A 68 1.07 -16.29 19.70
C LYS A 68 1.50 -17.37 18.70
N SER A 69 0.59 -18.27 18.27
CA SER A 69 0.94 -19.29 17.31
C SER A 69 -0.28 -19.82 16.58
N ILE A 70 -0.06 -20.24 15.32
CA ILE A 70 -1.09 -20.82 14.48
C ILE A 70 -0.43 -21.98 13.73
N ARG A 71 -1.12 -23.11 13.71
CA ARG A 71 -0.75 -24.26 12.94
C ARG A 71 -1.43 -24.13 11.57
N PHE A 72 -0.67 -24.35 10.51
CA PHE A 72 -1.19 -24.35 9.17
C PHE A 72 -1.04 -25.74 8.57
N LYS A 73 -2.16 -26.27 8.07
CA LYS A 73 -2.17 -27.55 7.37
C LYS A 73 -2.25 -27.12 5.91
N LEU A 74 -1.21 -27.42 5.15
CA LEU A 74 -1.08 -26.99 3.78
C LEU A 74 -1.79 -27.84 2.73
N ARG A 75 -2.23 -27.15 1.64
CA ARG A 75 -2.83 -27.81 0.50
C ARG A 75 -1.76 -28.64 -0.17
N GLN A 76 -2.08 -29.91 -0.45
CA GLN A 76 -1.12 -30.81 -1.06
C GLN A 76 -1.21 -30.74 -2.58
N GLY A 77 -0.09 -30.97 -3.23
CA GLY A 77 -0.02 -30.99 -4.67
C GLY A 77 -0.13 -29.65 -5.36
N VAL A 78 0.22 -28.56 -4.65
CA VAL A 78 0.25 -27.23 -5.26
C VAL A 78 1.65 -27.05 -5.84
N LYS A 79 1.77 -26.63 -7.10
CA LYS A 79 3.07 -26.45 -7.72
C LYS A 79 3.42 -25.01 -7.96
N PHE A 80 4.71 -24.69 -7.84
CA PHE A 80 5.24 -23.42 -8.23
C PHE A 80 5.36 -23.44 -9.75
N HIS A 81 5.45 -22.24 -10.36
CA HIS A 81 5.54 -22.09 -11.82
C HIS A 81 6.73 -22.82 -12.46
N ASN A 82 7.72 -23.24 -11.67
CA ASN A 82 8.84 -24.02 -12.18
C ASN A 82 8.64 -25.53 -11.95
N GLY A 83 7.40 -26.00 -11.73
CA GLY A 83 7.09 -27.41 -11.50
C GLY A 83 7.29 -27.93 -10.08
N ALA A 84 7.96 -27.18 -9.19
CA ALA A 84 8.25 -27.65 -7.83
C ALA A 84 7.06 -27.71 -6.89
N GLU A 85 6.98 -28.75 -6.06
CA GLU A 85 5.91 -28.92 -5.08
C GLU A 85 6.07 -27.92 -3.94
N MET A 86 5.00 -27.18 -3.63
CA MET A 86 4.98 -26.27 -2.49
C MET A 86 4.85 -27.10 -1.19
N THR A 87 5.82 -26.97 -0.28
CA THR A 87 5.81 -27.71 0.98
C THR A 87 5.99 -26.73 2.16
N ALA A 88 5.88 -27.26 3.39
CA ALA A 88 6.14 -26.53 4.62
C ALA A 88 7.52 -25.91 4.64
N GLU A 89 8.52 -26.51 3.94
CA GLU A 89 9.86 -25.94 3.87
C GLU A 89 9.80 -24.56 3.21
N ASP A 90 8.94 -24.40 2.16
CA ASP A 90 8.76 -23.11 1.47
C ASP A 90 8.07 -22.07 2.36
N VAL A 91 7.02 -22.47 3.07
CA VAL A 91 6.29 -21.54 3.96
C VAL A 91 7.20 -21.11 5.12
N ALA A 92 7.97 -22.05 5.71
CA ALA A 92 8.90 -21.72 6.78
C ALA A 92 9.95 -20.72 6.28
N PHE A 93 10.50 -20.94 5.06
CA PHE A 93 11.49 -20.03 4.48
C PHE A 93 10.91 -18.65 4.27
N THR A 94 9.68 -18.56 3.71
CA THR A 94 9.00 -17.29 3.48
C THR A 94 8.98 -16.38 4.73
N PHE A 95 8.78 -16.97 5.91
CA PHE A 95 8.67 -16.21 7.16
C PHE A 95 9.83 -16.47 8.12
N SER A 96 11.00 -16.81 7.56
CA SER A 96 12.18 -17.12 8.31
C SER A 96 13.03 -15.91 8.57
N SER A 97 13.92 -16.05 9.54
CA SER A 97 14.92 -15.03 9.86
CA SER A 97 14.88 -15.00 9.84
C SER A 97 15.83 -14.83 8.63
N GLU A 98 16.19 -15.92 7.92
CA GLU A 98 17.06 -15.87 6.75
C GLU A 98 16.51 -15.00 5.63
N ARG A 99 15.22 -15.17 5.28
CA ARG A 99 14.62 -14.42 4.17
C ARG A 99 13.97 -13.10 4.56
N LEU A 100 13.23 -13.06 5.68
CA LEU A 100 12.39 -11.92 5.99
C LEU A 100 12.81 -10.94 7.11
N TRP A 101 12.95 -11.42 8.35
CA TRP A 101 13.08 -10.53 9.50
C TRP A 101 14.43 -10.54 10.22
N GLY A 102 15.37 -11.38 9.79
CA GLY A 102 16.68 -11.43 10.43
C GLY A 102 17.57 -10.28 10.04
N ASP A 103 18.67 -10.08 10.76
CA ASP A 103 19.58 -8.95 10.49
C ASP A 103 20.13 -9.01 9.05
N GLU A 104 20.52 -10.20 8.58
CA GLU A 104 21.02 -10.37 7.22
C GLU A 104 19.94 -10.19 6.12
N ALA A 105 18.70 -10.53 6.43
CA ALA A 105 17.59 -10.41 5.49
C ALA A 105 17.24 -8.95 5.19
N ILE A 106 17.19 -8.10 6.20
CA ILE A 106 16.77 -6.71 6.02
C ILE A 106 17.76 -5.87 5.18
N LYS A 107 18.97 -6.38 4.90
CA LYS A 107 19.89 -5.67 4.00
C LYS A 107 19.41 -5.74 2.55
N THR A 108 18.66 -6.82 2.16
CA THR A 108 18.12 -7.01 0.81
C THR A 108 16.59 -6.88 0.76
N VAL A 109 15.88 -7.13 1.87
CA VAL A 109 14.42 -6.97 1.96
C VAL A 109 14.25 -5.91 3.04
N PRO A 110 14.49 -4.62 2.71
CA PRO A 110 14.58 -3.57 3.76
C PRO A 110 13.42 -3.38 4.70
N ASN A 111 12.19 -3.64 4.28
CA ASN A 111 11.04 -3.52 5.18
C ASN A 111 10.60 -4.87 5.79
N GLY A 112 11.38 -5.93 5.59
CA GLY A 112 11.04 -7.25 6.12
C GLY A 112 10.82 -7.29 7.63
N ARG A 113 11.65 -6.58 8.40
CA ARG A 113 11.46 -6.49 9.85
C ARG A 113 10.54 -5.35 10.20
N ASN A 114 10.73 -4.17 9.55
CA ASN A 114 9.90 -2.98 9.80
C ASN A 114 8.41 -3.27 9.75
N PHE A 115 8.00 -4.09 8.80
CA PHE A 115 6.58 -4.42 8.62
C PHE A 115 6.13 -5.67 9.33
N SER A 116 7.04 -6.48 9.87
CA SER A 116 6.68 -7.75 10.47
C SER A 116 6.35 -7.63 11.96
N PRO A 117 5.51 -8.55 12.50
CA PRO A 117 5.36 -8.62 13.96
C PRO A 117 6.66 -9.21 14.55
N ASN A 118 6.66 -9.48 15.87
CA ASN A 118 7.82 -10.06 16.53
C ASN A 118 7.86 -11.55 16.29
N TRP A 119 8.16 -11.97 15.05
CA TRP A 119 8.24 -13.39 14.73
C TRP A 119 9.30 -14.14 15.54
N ASP A 120 9.04 -15.42 15.75
CA ASP A 120 10.02 -16.41 16.18
C ASP A 120 10.22 -17.31 14.92
N GLU A 121 11.27 -18.15 14.91
CA GLU A 121 11.54 -18.98 13.73
C GLU A 121 10.38 -19.94 13.45
N PRO A 122 9.83 -20.07 12.20
CA PRO A 122 8.79 -21.08 11.95
C PRO A 122 9.22 -22.49 12.33
N VAL A 123 8.25 -23.36 12.61
CA VAL A 123 8.51 -24.79 12.93
C VAL A 123 7.85 -25.68 11.89
N VAL A 124 8.66 -26.44 11.14
CA VAL A 124 8.14 -27.39 10.19
C VAL A 124 7.83 -28.65 10.99
N GLU A 125 6.56 -29.01 11.13
CA GLU A 125 6.18 -30.25 11.86
C GLU A 125 6.22 -31.47 10.96
N ASP A 126 5.76 -31.31 9.73
CA ASP A 126 5.85 -32.35 8.72
C ASP A 126 5.81 -31.70 7.32
N LYS A 127 5.85 -32.50 6.26
CA LYS A 127 5.82 -31.97 4.89
C LYS A 127 4.76 -30.90 4.61
N TYR A 128 3.54 -31.08 5.12
CA TYR A 128 2.45 -30.13 4.88
C TYR A 128 1.92 -29.49 6.16
N THR A 129 2.74 -29.38 7.20
CA THR A 129 2.30 -28.77 8.47
C THR A 129 3.41 -27.87 9.00
N VAL A 130 3.07 -26.61 9.31
CA VAL A 130 4.02 -25.59 9.76
C VAL A 130 3.35 -24.71 10.81
N VAL A 131 4.05 -24.35 11.87
CA VAL A 131 3.55 -23.48 12.92
C VAL A 131 4.25 -22.13 12.75
N LEU A 132 3.46 -21.07 12.67
CA LEU A 132 4.00 -19.73 12.54
C LEU A 132 3.63 -19.02 13.83
N ARG A 133 4.61 -18.31 14.39
CA ARG A 133 4.42 -17.72 15.69
C ARG A 133 5.25 -16.49 16.01
N THR A 134 4.78 -15.75 17.02
CA THR A 134 5.46 -14.58 17.55
C THR A 134 6.00 -14.88 18.95
N LYS A 135 7.07 -14.19 19.33
CA LYS A 135 7.68 -14.36 20.65
C LYS A 135 6.77 -13.78 21.75
N THR A 136 5.99 -12.73 21.42
CA THR A 136 5.10 -12.02 22.33
C THR A 136 3.62 -12.19 21.89
N PRO A 137 2.63 -11.99 22.78
CA PRO A 137 1.23 -12.13 22.34
C PRO A 137 0.87 -11.22 21.16
N SER A 138 0.10 -11.76 20.22
CA SER A 138 -0.34 -11.00 19.05
C SER A 138 -1.54 -11.67 18.46
N TYR A 139 -2.70 -11.00 18.50
CA TYR A 139 -3.88 -11.55 17.84
C TYR A 139 -3.98 -11.01 16.38
N LEU A 140 -2.84 -10.57 15.80
CA LEU A 140 -2.77 -10.06 14.44
C LEU A 140 -2.11 -11.03 13.46
N ILE A 141 -1.58 -12.20 13.91
CA ILE A 141 -0.84 -13.10 13.00
C ILE A 141 -1.64 -13.45 11.74
N GLU A 142 -2.95 -13.83 11.86
CA GLU A 142 -3.78 -14.16 10.68
C GLU A 142 -3.82 -13.00 9.72
N LYS A 143 -3.98 -11.78 10.27
CA LYS A 143 -4.05 -10.56 9.50
C LYS A 143 -2.73 -10.34 8.76
N TYR A 144 -1.58 -10.56 9.39
CA TYR A 144 -0.29 -10.42 8.69
C TYR A 144 -0.15 -11.43 7.55
N LEU A 145 -0.55 -12.67 7.79
CA LEU A 145 -0.38 -13.74 6.81
C LEU A 145 -1.35 -13.65 5.63
N GLY A 146 -2.47 -12.94 5.78
CA GLY A 146 -3.40 -12.67 4.69
C GLY A 146 -3.18 -11.34 3.98
N SER A 147 -2.21 -10.55 4.43
CA SER A 147 -1.84 -9.27 3.86
C SER A 147 -0.77 -9.44 2.75
N TRP A 148 -0.28 -8.31 2.20
CA TRP A 148 0.82 -8.33 1.23
C TRP A 148 2.15 -8.83 1.78
N LEU A 149 2.26 -9.02 3.10
CA LEU A 149 3.44 -9.67 3.67
C LEU A 149 3.41 -11.20 3.34
N GLY A 150 2.20 -11.77 3.22
CA GLY A 150 1.93 -13.19 3.08
C GLY A 150 2.33 -14.02 1.86
N PRO A 151 2.58 -13.49 0.65
CA PRO A 151 2.93 -14.38 -0.49
C PRO A 151 4.02 -15.43 -0.21
N ILE A 152 3.75 -16.71 -0.56
CA ILE A 152 4.73 -17.79 -0.34
C ILE A 152 5.65 -17.85 -1.54
N VAL A 153 6.97 -17.86 -1.28
CA VAL A 153 8.01 -17.94 -2.31
C VAL A 153 8.68 -19.34 -2.34
N PRO A 154 9.24 -19.78 -3.48
CA PRO A 154 9.91 -21.09 -3.51
C PRO A 154 11.29 -20.99 -2.84
N LYS A 155 11.55 -21.83 -1.85
CA LYS A 155 12.82 -21.81 -1.13
C LYS A 155 14.07 -22.03 -2.01
N GLU A 156 14.16 -23.17 -2.71
CA GLU A 156 15.35 -23.48 -3.51
C GLU A 156 15.65 -22.40 -4.56
N TYR A 157 14.65 -22.02 -5.37
CA TYR A 157 14.79 -21.02 -6.41
C TYR A 157 15.12 -19.60 -5.87
N TYR A 158 14.39 -19.11 -4.84
CA TYR A 158 14.66 -17.80 -4.25
C TYR A 158 16.07 -17.73 -3.66
N LYS A 159 16.49 -18.76 -2.89
CA LYS A 159 17.85 -18.82 -2.34
C LYS A 159 18.91 -18.86 -3.45
N SER A 160 18.66 -19.63 -4.54
CA SER A 160 19.63 -19.72 -5.64
C SER A 160 19.71 -18.45 -6.49
N LEU A 161 18.95 -17.38 -6.14
CA LEU A 161 18.94 -16.11 -6.87
C LEU A 161 19.15 -14.88 -5.97
N GLY A 162 18.60 -14.90 -4.77
CA GLY A 162 18.61 -13.75 -3.88
C GLY A 162 17.39 -12.88 -4.16
N ALA A 163 16.91 -12.17 -3.14
CA ALA A 163 15.71 -11.34 -3.23
C ALA A 163 15.60 -10.41 -4.45
N VAL A 164 16.68 -9.68 -4.80
CA VAL A 164 16.61 -8.72 -5.92
C VAL A 164 16.58 -9.43 -7.29
N ALA A 165 17.38 -10.51 -7.52
CA ALA A 165 17.31 -11.23 -8.79
C ALA A 165 15.96 -11.96 -8.89
N PHE A 166 15.42 -12.44 -7.77
CA PHE A 166 14.09 -13.05 -7.74
C PHE A 166 13.04 -12.01 -8.15
N GLY A 167 13.19 -10.78 -7.69
CA GLY A 167 12.28 -9.69 -8.03
C GLY A 167 12.15 -9.33 -9.50
N ASN A 168 13.12 -9.74 -10.34
CA ASN A 168 13.09 -9.55 -11.78
C ASN A 168 12.64 -10.82 -12.51
N LYS A 169 12.67 -12.00 -11.89
CA LYS A 169 12.21 -13.25 -12.52
C LYS A 169 11.44 -14.02 -11.43
N PRO A 170 10.29 -13.50 -10.94
CA PRO A 170 9.61 -14.19 -9.84
C PRO A 170 8.94 -15.51 -10.25
N ILE A 171 8.91 -16.46 -9.28
CA ILE A 171 8.24 -17.74 -9.39
C ILE A 171 7.32 -17.84 -8.18
N GLY A 172 6.05 -18.11 -8.44
CA GLY A 172 5.06 -18.31 -7.39
C GLY A 172 4.15 -19.47 -7.70
N THR A 173 3.07 -19.57 -6.96
CA THR A 173 2.05 -20.60 -7.18
C THR A 173 0.76 -20.04 -7.78
N GLY A 174 0.72 -18.73 -8.04
CA GLY A 174 -0.47 -18.04 -8.44
C GLY A 174 -1.01 -18.33 -9.82
N PRO A 175 -2.20 -17.75 -10.13
CA PRO A 175 -2.85 -18.07 -11.41
C PRO A 175 -2.22 -17.53 -12.68
N TYR A 176 -1.23 -16.64 -12.56
CA TYR A 176 -0.53 -16.10 -13.70
C TYR A 176 0.95 -16.15 -13.39
N LYS A 177 1.75 -16.49 -14.38
CA LYS A 177 3.18 -16.61 -14.22
C LYS A 177 3.88 -15.51 -14.97
N PHE A 178 5.06 -15.13 -14.47
CA PHE A 178 5.83 -14.07 -15.09
C PHE A 178 6.35 -14.53 -16.41
N ARG A 179 6.22 -13.70 -17.46
CA ARG A 179 6.77 -14.01 -18.79
C ARG A 179 7.94 -13.06 -19.07
N GLU A 180 7.72 -11.73 -18.94
CA GLU A 180 8.76 -10.77 -19.27
C GLU A 180 8.51 -9.40 -18.68
N LEU A 181 9.58 -8.61 -18.55
CA LEU A 181 9.49 -7.22 -18.14
C LEU A 181 10.49 -6.38 -18.92
N VAL A 182 10.11 -5.15 -19.22
CA VAL A 182 10.97 -4.16 -19.85
C VAL A 182 10.88 -3.00 -18.86
N ALA A 183 11.99 -2.68 -18.18
CA ALA A 183 12.04 -1.67 -17.12
C ALA A 183 11.35 -0.37 -17.46
N ASN A 184 10.51 0.12 -16.54
CA ASN A 184 9.72 1.34 -16.73
C ASN A 184 8.88 1.30 -18.02
N ASP A 185 8.47 0.10 -18.51
CA ASP A 185 7.67 0.02 -19.73
C ASP A 185 6.46 -0.93 -19.60
N HIS A 186 6.73 -2.22 -19.33
CA HIS A 186 5.66 -3.19 -19.18
C HIS A 186 6.14 -4.45 -18.47
N VAL A 187 5.19 -5.20 -17.95
CA VAL A 187 5.33 -6.51 -17.38
C VAL A 187 4.24 -7.34 -18.04
N THR A 188 4.59 -8.51 -18.55
CA THR A 188 3.62 -9.43 -19.14
C THR A 188 3.61 -10.69 -18.32
N LEU A 189 2.41 -11.16 -18.01
CA LEU A 189 2.20 -12.42 -17.31
C LEU A 189 1.40 -13.33 -18.24
N GLU A 190 1.45 -14.64 -18.02
CA GLU A 190 0.69 -15.59 -18.83
C GLU A 190 -0.02 -16.58 -17.95
N ALA A 191 -1.17 -17.08 -18.40
CA ALA A 191 -1.96 -18.03 -17.62
C ALA A 191 -1.14 -19.21 -17.12
N ASN A 192 -1.25 -19.50 -15.83
CA ASN A 192 -0.63 -20.68 -15.26
C ASN A 192 -1.69 -21.80 -15.39
N ASP A 193 -1.56 -22.65 -16.40
CA ASP A 193 -2.50 -23.74 -16.64
C ASP A 193 -2.48 -24.85 -15.52
N GLY A 194 -1.44 -24.86 -14.70
CA GLY A 194 -1.34 -25.75 -13.55
C GLY A 194 -1.97 -25.23 -12.27
N TYR A 195 -2.64 -24.06 -12.28
CA TYR A 195 -3.19 -23.47 -11.05
C TYR A 195 -4.17 -24.38 -10.30
N TRP A 196 -4.07 -24.35 -8.97
CA TRP A 196 -4.88 -25.14 -8.07
C TRP A 196 -6.33 -24.62 -7.86
N GLY A 197 -6.57 -23.33 -8.05
CA GLY A 197 -7.88 -22.72 -7.82
C GLY A 197 -8.68 -22.46 -9.09
N ASP A 198 -9.37 -21.30 -9.16
CA ASP A 198 -10.16 -20.92 -10.35
C ASP A 198 -9.24 -20.90 -11.57
N LYS A 199 -9.63 -21.53 -12.68
CA LYS A 199 -8.80 -21.52 -13.88
C LYS A 199 -8.64 -20.04 -14.36
N PRO A 200 -7.41 -19.58 -14.67
CA PRO A 200 -7.27 -18.22 -15.21
C PRO A 200 -8.10 -18.00 -16.47
N THR A 201 -8.73 -16.82 -16.61
CA THR A 201 -9.60 -16.50 -17.73
C THR A 201 -8.94 -15.64 -18.81
N ALA A 202 -7.75 -15.08 -18.58
CA ALA A 202 -7.04 -14.28 -19.58
C ALA A 202 -5.86 -15.14 -20.07
N SER A 203 -5.49 -15.02 -21.35
CA SER A 203 -4.35 -15.79 -21.87
C SER A 203 -3.08 -15.14 -21.35
N THR A 204 -3.01 -13.80 -21.42
CA THR A 204 -1.90 -13.02 -20.89
C THR A 204 -2.46 -11.76 -20.25
N ILE A 205 -1.70 -11.17 -19.33
CA ILE A 205 -2.02 -9.87 -18.73
C ILE A 205 -0.78 -9.01 -18.93
N THR A 206 -0.91 -7.86 -19.60
CA THR A 206 0.19 -6.91 -19.81
C THR A 206 -0.15 -5.66 -19.03
N TYR A 207 0.78 -5.21 -18.19
CA TYR A 207 0.68 -3.98 -17.39
C TYR A 207 1.58 -3.05 -18.14
N GLN A 208 1.02 -2.04 -18.80
CA GLN A 208 1.76 -1.10 -19.63
C GLN A 208 1.80 0.25 -18.96
N VAL A 209 2.99 0.79 -18.77
CA VAL A 209 3.13 2.09 -18.11
C VAL A 209 2.67 3.18 -19.06
N VAL A 210 1.71 3.99 -18.62
CA VAL A 210 1.28 5.20 -19.32
C VAL A 210 1.22 6.24 -18.21
N ALA A 211 2.35 6.87 -17.90
CA ALA A 211 2.46 7.76 -16.76
C ALA A 211 1.45 8.92 -16.72
N GLU A 212 1.15 9.54 -17.86
CA GLU A 212 0.23 10.67 -17.90
C GLU A 212 -1.23 10.14 -17.93
N PRO A 213 -2.13 10.49 -16.94
CA PRO A 213 -3.51 9.99 -17.03
C PRO A 213 -4.25 10.45 -18.26
N ALA A 214 -3.90 11.63 -18.80
CA ALA A 214 -4.50 12.11 -20.05
C ALA A 214 -4.29 11.11 -21.22
N THR A 215 -3.07 10.62 -21.38
CA THR A 215 -2.71 9.66 -22.42
C THR A 215 -3.32 8.26 -22.11
N ARG A 216 -3.44 7.93 -20.84
CA ARG A 216 -3.97 6.67 -20.40
C ARG A 216 -5.48 6.60 -20.78
N VAL A 217 -6.25 7.61 -20.44
CA VAL A 217 -7.68 7.68 -20.79
C VAL A 217 -7.83 7.69 -22.34
N ALA A 218 -6.96 8.41 -23.06
CA ALA A 218 -7.02 8.44 -24.53
C ALA A 218 -6.77 7.05 -25.14
N GLY A 219 -5.86 6.30 -24.52
CA GLY A 219 -5.54 4.93 -24.88
C GLY A 219 -6.75 4.03 -24.69
N LEU A 220 -7.49 4.23 -23.59
CA LEU A 220 -8.71 3.44 -23.33
C LEU A 220 -9.74 3.72 -24.39
N ILE A 221 -9.94 5.01 -24.71
CA ILE A 221 -10.93 5.44 -25.70
C ILE A 221 -10.61 4.86 -27.09
N SER A 222 -9.34 4.86 -27.49
CA SER A 222 -8.88 4.38 -28.79
C SER A 222 -8.73 2.86 -28.92
N GLY A 223 -9.03 2.08 -27.87
CA GLY A 223 -8.98 0.63 -27.97
C GLY A 223 -7.67 -0.05 -27.64
N GLU A 224 -6.73 0.70 -27.07
CA GLU A 224 -5.42 0.18 -26.72
C GLU A 224 -5.39 -0.56 -25.39
N TYR A 225 -6.28 -0.25 -24.43
CA TYR A 225 -6.29 -0.90 -23.11
C TYR A 225 -7.70 -1.35 -22.76
N ASP A 226 -7.81 -2.48 -22.07
CA ASP A 226 -9.07 -3.03 -21.59
C ASP A 226 -9.45 -2.40 -20.26
N ILE A 227 -8.45 -2.14 -19.40
CA ILE A 227 -8.62 -1.48 -18.11
C ILE A 227 -7.49 -0.49 -17.94
N ILE A 228 -7.78 0.64 -17.29
CA ILE A 228 -6.77 1.62 -16.91
C ILE A 228 -6.94 1.96 -15.44
N THR A 229 -5.82 2.27 -14.80
CA THR A 229 -5.78 2.53 -13.37
C THR A 229 -5.58 4.04 -13.09
N THR A 230 -5.69 4.41 -11.78
CA THR A 230 -5.29 5.65 -11.16
C THR A 230 -5.97 6.87 -11.74
N LEU A 231 -7.28 6.82 -11.84
CA LEU A 231 -8.07 7.93 -12.31
C LEU A 231 -8.73 8.59 -11.11
N THR A 232 -9.44 9.70 -11.35
CA THR A 232 -10.13 10.42 -10.30
C THR A 232 -11.64 10.41 -10.53
N PRO A 233 -12.47 10.76 -9.51
CA PRO A 233 -13.92 10.85 -9.77
C PRO A 233 -14.27 11.86 -10.87
N ASP A 234 -13.46 12.92 -11.05
CA ASP A 234 -13.67 13.89 -12.13
C ASP A 234 -13.44 13.29 -13.53
N ASP A 235 -12.85 12.10 -13.66
CA ASP A 235 -12.70 11.46 -14.97
C ASP A 235 -13.97 10.76 -15.46
N MET A 236 -15.03 10.67 -14.62
CA MET A 236 -16.29 10.05 -14.99
C MET A 236 -16.92 10.67 -16.25
N ALA A 237 -16.94 11.99 -16.35
CA ALA A 237 -17.60 12.67 -17.45
C ALA A 237 -17.05 12.26 -18.81
N LEU A 238 -15.72 12.21 -18.95
CA LEU A 238 -15.13 11.82 -20.23
C LEU A 238 -15.37 10.33 -20.55
N VAL A 239 -15.06 9.49 -19.60
CA VAL A 239 -15.14 8.04 -19.80
C VAL A 239 -16.58 7.56 -19.99
N ASP A 240 -17.49 7.92 -19.09
CA ASP A 240 -18.88 7.46 -19.17
C ASP A 240 -19.65 8.07 -20.33
N GLY A 241 -19.16 9.17 -20.92
CA GLY A 241 -19.77 9.70 -22.12
C GLY A 241 -19.73 8.72 -23.30
N TYR A 242 -18.93 7.64 -23.20
CA TYR A 242 -18.82 6.58 -24.19
C TYR A 242 -19.66 5.43 -23.70
N SER A 243 -20.58 4.91 -24.54
CA SER A 243 -21.47 3.81 -24.15
CA SER A 243 -21.47 3.81 -24.14
C SER A 243 -20.74 2.50 -23.89
N ASP A 244 -19.57 2.23 -24.53
CA ASP A 244 -18.87 0.97 -24.26
C ASP A 244 -17.80 1.10 -23.15
N LEU A 245 -17.74 2.21 -22.41
CA LEU A 245 -16.78 2.39 -21.32
C LEU A 245 -17.51 2.81 -20.05
N GLU A 246 -16.87 2.58 -18.91
CA GLU A 246 -17.39 3.02 -17.64
C GLU A 246 -16.27 3.10 -16.60
N THR A 247 -16.49 3.93 -15.60
CA THR A 247 -15.59 4.01 -14.48
C THR A 247 -16.08 3.07 -13.44
N ARG A 248 -15.14 2.52 -12.69
CA ARG A 248 -15.44 1.63 -11.58
C ARG A 248 -14.52 2.03 -10.48
N GLY A 249 -15.09 2.45 -9.35
CA GLY A 249 -14.28 2.86 -8.23
C GLY A 249 -14.79 2.40 -6.89
N THR A 250 -13.98 2.67 -5.88
CA THR A 250 -14.31 2.38 -4.50
C THR A 250 -13.38 3.15 -3.59
N LEU A 251 -13.81 3.36 -2.36
CA LEU A 251 -12.96 3.94 -1.34
C LEU A 251 -11.95 2.85 -0.97
N ILE A 252 -10.64 3.17 -0.98
CA ILE A 252 -9.62 2.18 -0.71
C ILE A 252 -8.99 2.42 0.65
N GLU A 253 -8.42 1.35 1.22
CA GLU A 253 -7.76 1.36 2.52
C GLU A 253 -6.32 1.91 2.34
N ASN A 254 -6.22 3.14 1.87
CA ASN A 254 -4.97 3.82 1.60
C ASN A 254 -5.15 5.27 2.01
N LEU A 255 -4.05 5.90 2.40
CA LEU A 255 -4.04 7.25 2.80
C LEU A 255 -3.10 8.04 1.93
N HIS A 256 -3.60 9.05 1.24
CA HIS A 256 -2.75 10.00 0.54
C HIS A 256 -2.22 11.00 1.58
N MET A 257 -0.93 11.36 1.46
CA MET A 257 -0.33 12.29 2.38
C MET A 257 0.80 13.08 1.72
N PHE A 258 1.26 14.12 2.44
CA PHE A 258 2.52 14.79 2.14
C PHE A 258 3.36 14.68 3.40
N THR A 259 4.66 14.61 3.20
CA THR A 259 5.61 14.43 4.27
C THR A 259 6.87 15.23 3.97
N PHE A 260 7.82 15.25 4.89
CA PHE A 260 8.94 16.14 4.81
C PHE A 260 10.24 15.49 4.98
N ASN A 261 11.28 16.10 4.41
CA ASN A 261 12.61 15.65 4.67
C ASN A 261 13.01 16.41 5.92
N MET A 262 12.89 15.75 7.07
CA MET A 262 13.14 16.37 8.37
C MET A 262 14.60 16.46 8.73
N ASN A 263 15.50 15.98 7.89
CA ASN A 263 16.93 16.27 7.99
C ASN A 263 17.15 17.75 7.50
N GLN A 264 16.22 18.34 6.71
CA GLN A 264 16.38 19.70 6.20
C GLN A 264 16.15 20.69 7.32
N PRO A 265 17.04 21.69 7.50
CA PRO A 265 16.88 22.62 8.64
C PRO A 265 15.48 23.21 8.84
N ILE A 266 14.85 23.63 7.77
CA ILE A 266 13.52 24.24 7.84
C ILE A 266 12.45 23.30 8.40
N PHE A 267 12.63 21.94 8.28
CA PHE A 267 11.67 20.98 8.80
C PHE A 267 12.16 20.12 9.95
N GLN A 268 13.29 20.49 10.55
CA GLN A 268 13.83 19.75 11.70
C GLN A 268 12.91 19.82 12.92
N ASN A 269 12.17 20.93 13.08
CA ASN A 269 11.20 21.11 14.16
C ASN A 269 9.74 21.05 13.63
N LYS A 270 8.79 20.82 14.53
CA LYS A 270 7.39 20.70 14.18
C LYS A 270 6.70 21.98 13.75
N THR A 271 7.27 23.16 14.03
CA THR A 271 6.59 24.45 13.80
C THR A 271 6.08 24.67 12.36
N LEU A 272 6.97 24.63 11.33
CA LEU A 272 6.51 24.79 9.96
C LEU A 272 5.77 23.60 9.44
N ARG A 273 6.06 22.37 9.95
CA ARG A 273 5.32 21.20 9.53
C ARG A 273 3.85 21.37 9.92
N ARG A 274 3.62 21.84 11.16
CA ARG A 274 2.27 22.07 11.64
C ARG A 274 1.61 23.20 10.90
N ALA A 275 2.36 24.25 10.54
CA ALA A 275 1.79 25.37 9.81
C ALA A 275 1.29 24.91 8.44
N LEU A 276 2.08 24.08 7.73
CA LEU A 276 1.67 23.55 6.47
C LEU A 276 0.43 22.68 6.59
N ALA A 277 0.34 21.91 7.67
CA ALA A 277 -0.83 21.07 7.95
C ALA A 277 -2.09 21.89 8.25
N LEU A 278 -2.02 22.89 9.16
CA LEU A 278 -3.20 23.68 9.53
C LEU A 278 -3.71 24.57 8.41
N ALA A 279 -2.87 24.91 7.45
CA ALA A 279 -3.29 25.76 6.33
C ALA A 279 -4.15 24.99 5.28
N VAL A 280 -4.17 23.64 5.33
CA VAL A 280 -4.88 22.84 4.35
C VAL A 280 -6.33 22.73 4.71
N ASN A 281 -7.21 23.17 3.79
CA ASN A 281 -8.64 23.00 3.90
C ASN A 281 -8.99 21.71 3.14
N ARG A 282 -8.92 20.58 3.82
CA ARG A 282 -9.18 19.28 3.19
C ARG A 282 -10.61 19.13 2.68
N PRO A 283 -11.70 19.55 3.39
CA PRO A 283 -13.03 19.42 2.78
C PRO A 283 -13.14 20.12 1.43
N LEU A 284 -12.47 21.26 1.25
CA LEU A 284 -12.54 21.99 -0.01
C LEU A 284 -11.84 21.17 -1.13
N ILE A 285 -10.72 20.51 -0.84
CA ILE A 285 -10.03 19.67 -1.86
C ILE A 285 -10.91 18.46 -2.22
N VAL A 286 -11.50 17.84 -1.21
CA VAL A 286 -12.35 16.67 -1.40
C VAL A 286 -13.61 17.05 -2.23
N GLU A 287 -14.18 18.23 -2.01
CA GLU A 287 -15.32 18.69 -2.78
C GLU A 287 -14.93 19.03 -4.22
N ALA A 288 -13.80 19.75 -4.41
CA ALA A 288 -13.39 20.21 -5.72
C ALA A 288 -12.81 19.13 -6.62
N LEU A 289 -12.10 18.12 -6.08
CA LEU A 289 -11.42 17.12 -6.91
C LEU A 289 -11.89 15.70 -6.78
N TRP A 290 -12.60 15.38 -5.72
CA TRP A 290 -13.02 14.02 -5.44
C TRP A 290 -14.53 13.83 -5.44
N LYS A 291 -15.35 14.83 -5.85
CA LYS A 291 -16.84 14.72 -5.83
C LYS A 291 -17.36 14.25 -4.46
N ASN A 292 -16.69 14.65 -3.35
CA ASN A 292 -17.05 14.23 -1.99
C ASN A 292 -17.08 12.72 -1.81
N LYS A 293 -16.27 11.98 -2.60
CA LYS A 293 -16.19 10.53 -2.49
C LYS A 293 -14.98 10.09 -1.67
N ALA A 294 -13.91 10.90 -1.59
CA ALA A 294 -12.77 10.58 -0.75
C ALA A 294 -13.19 10.82 0.70
N SER A 295 -12.53 10.15 1.65
CA SER A 295 -12.87 10.31 3.05
C SER A 295 -11.74 11.01 3.80
N ILE A 296 -12.05 11.95 4.70
CA ILE A 296 -10.99 12.66 5.45
C ILE A 296 -10.86 11.96 6.77
N PRO A 297 -9.69 11.41 7.15
CA PRO A 297 -9.61 10.71 8.43
C PRO A 297 -9.64 11.64 9.62
N ASN A 298 -10.20 11.16 10.73
CA ASN A 298 -10.22 11.92 11.99
C ASN A 298 -8.96 11.52 12.80
N GLY A 299 -7.82 12.02 12.35
CA GLY A 299 -6.50 11.68 12.87
C GLY A 299 -5.95 10.46 12.15
N PHE A 300 -4.84 9.86 12.65
CA PHE A 300 -4.27 8.66 12.03
C PHE A 300 -5.12 7.51 12.53
N ASN A 301 -6.35 7.49 12.03
CA ASN A 301 -7.43 6.69 12.58
C ASN A 301 -8.49 6.40 11.50
N PHE A 302 -8.74 5.12 11.19
CA PHE A 302 -9.66 4.69 10.13
C PHE A 302 -10.64 3.68 10.62
N PRO A 303 -11.92 3.69 10.16
CA PRO A 303 -12.84 2.63 10.59
C PRO A 303 -12.32 1.21 10.30
N HIS A 304 -11.45 1.07 9.29
CA HIS A 304 -10.82 -0.21 8.95
C HIS A 304 -10.05 -0.82 10.12
N TYR A 305 -9.56 0.01 11.05
CA TYR A 305 -8.84 -0.45 12.24
C TYR A 305 -9.68 -1.28 13.22
N GLY A 306 -11.00 -1.32 13.04
CA GLY A 306 -11.86 -2.11 13.90
C GLY A 306 -11.87 -1.69 15.35
N ALA A 307 -11.34 -2.55 16.24
CA ALA A 307 -11.29 -2.32 17.68
C ALA A 307 -10.44 -1.12 18.06
N THR A 308 -9.41 -0.78 17.24
CA THR A 308 -8.54 0.36 17.55
C THR A 308 -8.92 1.61 16.74
N TYR A 309 -10.17 1.67 16.21
CA TYR A 309 -10.68 2.86 15.56
C TYR A 309 -11.36 3.63 16.68
N ASP A 310 -11.17 4.94 16.71
CA ASP A 310 -11.79 5.80 17.71
C ASP A 310 -12.78 6.70 17.00
N PRO A 311 -14.10 6.39 17.00
CA PRO A 311 -15.06 7.25 16.29
C PRO A 311 -15.27 8.64 16.87
N LYS A 312 -14.92 8.85 18.14
CA LYS A 312 -15.12 10.15 18.77
C LYS A 312 -13.93 11.11 18.61
N ARG A 313 -12.84 10.67 17.93
CA ARG A 313 -11.69 11.51 17.76
C ARG A 313 -12.03 12.68 16.86
N LYS A 314 -11.62 13.89 17.25
CA LYS A 314 -11.91 15.08 16.47
C LYS A 314 -10.94 15.15 15.30
N PRO A 315 -11.36 15.60 14.10
CA PRO A 315 -10.40 15.70 12.99
C PRO A 315 -9.47 16.89 13.14
N MET A 316 -8.33 16.86 12.44
CA MET A 316 -7.35 17.94 12.51
C MET A 316 -7.98 19.18 11.85
N GLU A 317 -7.81 20.33 12.50
CA GLU A 317 -8.45 21.58 12.13
C GLU A 317 -7.84 22.30 10.92
N PHE A 318 -8.69 22.92 10.10
CA PHE A 318 -8.25 23.84 9.07
C PHE A 318 -8.21 25.15 9.86
N ASN A 319 -7.01 25.75 10.03
CA ASN A 319 -6.87 26.98 10.80
C ASN A 319 -5.84 27.93 10.15
N LEU A 320 -6.31 28.69 9.16
CA LEU A 320 -5.44 29.57 8.40
C LEU A 320 -4.67 30.61 9.25
N LYS A 321 -5.36 31.28 10.17
CA LYS A 321 -4.74 32.32 10.97
C LYS A 321 -3.67 31.79 11.90
N GLU A 322 -3.88 30.60 12.50
CA GLU A 322 -2.87 29.97 13.34
C GLU A 322 -1.68 29.55 12.47
N ALA A 323 -1.91 29.06 11.23
CA ALA A 323 -0.81 28.71 10.33
C ALA A 323 0.06 29.96 10.05
N LYS A 324 -0.59 31.13 9.84
CA LYS A 324 0.10 32.43 9.64
C LYS A 324 1.02 32.75 10.80
N ARG A 325 0.53 32.55 12.03
CA ARG A 325 1.30 32.82 13.25
C ARG A 325 2.47 31.88 13.37
N LEU A 326 2.25 30.59 13.10
CA LEU A 326 3.33 29.61 13.16
C LEU A 326 4.43 29.91 12.12
N VAL A 327 4.07 30.37 10.93
CA VAL A 327 5.08 30.68 9.89
C VAL A 327 6.00 31.79 10.39
N LYS A 328 5.41 32.85 10.94
CA LYS A 328 6.18 33.99 11.41
C LYS A 328 7.14 33.63 12.52
N GLU A 329 6.66 32.82 13.48
CA GLU A 329 7.44 32.36 14.63
C GLU A 329 8.61 31.48 14.21
N SER A 330 8.39 30.61 13.22
CA SER A 330 9.39 29.65 12.75
C SER A 330 10.71 30.25 12.28
N GLY A 331 10.71 31.53 11.96
CA GLY A 331 11.89 32.17 11.38
C GLY A 331 11.88 32.10 9.85
N TYR A 332 10.88 31.44 9.22
CA TYR A 332 10.73 31.36 7.75
C TYR A 332 10.92 32.74 7.10
N ASP A 333 11.82 32.78 6.11
CA ASP A 333 12.24 34.02 5.50
C ASP A 333 11.80 34.20 4.03
N GLY A 334 10.71 33.53 3.62
CA GLY A 334 10.18 33.66 2.28
C GLY A 334 10.90 32.87 1.20
N THR A 335 11.88 32.02 1.56
CA THR A 335 12.60 31.22 0.56
C THR A 335 11.63 30.21 -0.07
N PRO A 336 11.65 29.92 -1.39
CA PRO A 336 10.65 28.96 -1.93
C PRO A 336 10.92 27.53 -1.44
N ILE A 337 9.88 26.87 -0.94
CA ILE A 337 9.98 25.50 -0.47
C ILE A 337 9.45 24.61 -1.60
N THR A 338 10.22 23.61 -2.01
CA THR A 338 9.82 22.73 -3.11
C THR A 338 8.92 21.60 -2.57
N TYR A 339 8.05 21.12 -3.44
CA TYR A 339 7.16 19.98 -3.24
C TYR A 339 7.33 19.07 -4.44
N HIS A 340 7.99 17.94 -4.21
CA HIS A 340 8.29 16.97 -5.26
C HIS A 340 7.12 16.04 -5.48
N THR A 341 6.75 15.85 -6.77
CA THR A 341 5.70 14.94 -7.20
C THR A 341 6.09 14.33 -8.56
N MET A 342 5.98 13.01 -8.68
CA MET A 342 6.25 12.32 -9.93
C MET A 342 4.96 12.37 -10.75
N GLY A 343 4.64 13.56 -11.23
CA GLY A 343 3.42 13.82 -11.95
C GLY A 343 2.19 13.41 -11.15
N ASN A 344 1.30 12.71 -11.80
CA ASN A 344 0.10 12.19 -11.17
C ASN A 344 0.20 10.72 -10.91
N TYR A 345 1.38 10.28 -10.40
CA TYR A 345 1.58 8.91 -9.90
C TYR A 345 0.49 8.61 -8.85
N TYR A 346 0.18 9.58 -8.01
CA TYR A 346 -0.95 9.55 -7.11
C TYR A 346 -2.06 10.31 -7.81
N ALA A 347 -3.25 9.71 -7.87
CA ALA A 347 -4.40 10.35 -8.50
C ALA A 347 -4.69 11.73 -7.84
N ASN A 348 -4.90 12.78 -8.61
CA ASN A 348 -5.12 14.15 -8.18
C ASN A 348 -3.91 14.77 -7.47
N ALA A 349 -2.71 14.20 -7.62
CA ALA A 349 -1.53 14.75 -6.96
C ALA A 349 -1.24 16.20 -7.37
N VAL A 350 -1.23 16.49 -8.66
CA VAL A 350 -0.84 17.80 -9.16
C VAL A 350 -1.99 18.83 -8.89
N PRO A 351 -3.28 18.56 -9.20
CA PRO A 351 -4.32 19.54 -8.85
C PRO A 351 -4.43 19.77 -7.33
N ALA A 352 -4.30 18.74 -6.49
CA ALA A 352 -4.35 18.93 -5.03
C ALA A 352 -3.20 19.80 -4.56
N LEU A 353 -2.00 19.57 -5.12
CA LEU A 353 -0.84 20.38 -4.80
C LEU A 353 -1.09 21.84 -5.15
N MET A 354 -1.67 22.12 -6.32
N MET A 354 -1.69 22.09 -6.30
CA MET A 354 -1.91 23.49 -6.73
CA MET A 354 -1.93 23.44 -6.75
C MET A 354 -2.91 24.18 -5.82
C MET A 354 -2.93 24.17 -5.86
N MET A 355 -3.91 23.45 -5.31
CA MET A 355 -4.87 24.04 -4.37
C MET A 355 -4.16 24.31 -3.00
N MET A 356 -3.30 23.37 -2.57
CA MET A 356 -2.55 23.56 -1.31
C MET A 356 -1.53 24.70 -1.44
N ILE A 357 -0.98 24.94 -2.64
CA ILE A 357 -0.04 26.05 -2.85
C ILE A 357 -0.76 27.39 -2.57
N GLU A 358 -2.03 27.52 -2.99
CA GLU A 358 -2.78 28.75 -2.73
C GLU A 358 -3.16 28.86 -1.27
N MET A 359 -3.45 27.73 -0.61
CA MET A 359 -3.74 27.75 0.82
C MET A 359 -2.47 28.13 1.60
N TRP A 360 -1.31 27.64 1.19
CA TRP A 360 -0.04 27.95 1.81
C TRP A 360 0.37 29.41 1.55
N LYS A 361 0.02 29.96 0.39
CA LYS A 361 0.26 31.38 0.11
C LYS A 361 -0.50 32.22 1.11
N ALA A 362 -1.78 31.87 1.37
CA ALA A 362 -2.60 32.56 2.37
C ALA A 362 -2.00 32.53 3.76
N ALA A 363 -1.21 31.52 4.10
CA ALA A 363 -0.55 31.43 5.38
C ALA A 363 0.83 32.14 5.44
N GLY A 364 1.30 32.67 4.31
CA GLY A 364 2.58 33.35 4.22
C GLY A 364 3.73 32.44 3.86
N ILE A 365 3.48 31.31 3.18
CA ILE A 365 4.54 30.37 2.81
C ILE A 365 4.54 30.21 1.33
N THR A 366 5.73 30.25 0.70
CA THR A 366 5.85 30.04 -0.71
C THR A 366 6.27 28.61 -0.95
N VAL A 367 5.40 27.83 -1.63
CA VAL A 367 5.68 26.46 -2.03
C VAL A 367 5.63 26.39 -3.54
N VAL A 368 6.64 25.74 -4.16
CA VAL A 368 6.73 25.56 -5.61
C VAL A 368 6.74 24.06 -5.98
N PRO A 369 6.04 23.68 -7.08
CA PRO A 369 6.05 22.27 -7.48
C PRO A 369 7.39 21.92 -8.14
N LYS A 370 7.82 20.70 -7.95
CA LYS A 370 9.01 20.16 -8.61
C LYS A 370 8.51 18.81 -9.14
N ILE A 371 7.95 18.86 -10.35
CA ILE A 371 7.38 17.70 -11.00
C ILE A 371 8.53 16.96 -11.65
N PHE A 372 8.76 15.71 -11.27
CA PHE A 372 9.82 14.90 -11.84
C PHE A 372 9.24 13.75 -12.66
N ALA A 373 9.95 13.38 -13.70
CA ALA A 373 9.49 12.37 -14.63
C ALA A 373 9.73 10.96 -14.08
N PRO A 374 8.94 9.93 -14.50
CA PRO A 374 9.26 8.55 -14.08
C PRO A 374 10.68 8.15 -14.51
N GLY A 375 11.37 7.40 -13.68
CA GLY A 375 12.76 7.01 -13.95
C GLY A 375 13.72 8.19 -13.86
N THR A 376 13.55 9.03 -12.82
CA THR A 376 14.40 10.19 -12.58
C THR A 376 14.41 10.43 -11.06
N THR A 377 14.83 9.39 -10.31
CA THR A 377 14.87 9.41 -8.84
C THR A 377 15.59 10.65 -8.28
N PRO A 378 14.90 11.62 -7.62
CA PRO A 378 15.64 12.75 -7.04
C PRO A 378 16.32 12.33 -5.74
N LYS A 379 17.53 12.85 -5.50
CA LYS A 379 18.25 12.50 -4.26
C LYS A 379 17.53 13.11 -3.04
N ASP A 380 17.54 12.40 -1.90
CA ASP A 380 16.89 12.84 -0.66
C ASP A 380 17.27 14.27 -0.27
N SER A 381 18.55 14.64 -0.42
CA SER A 381 19.01 15.98 -0.07
C SER A 381 18.35 17.09 -0.88
N ASP A 382 17.78 16.79 -2.06
CA ASP A 382 17.06 17.78 -2.88
C ASP A 382 15.57 17.88 -2.46
N ILE A 383 15.07 16.99 -1.56
CA ILE A 383 13.66 16.99 -1.17
C ILE A 383 13.42 17.86 0.07
N LEU A 384 12.39 18.70 0.01
CA LEU A 384 11.89 19.47 1.14
C LEU A 384 10.54 18.79 1.47
N ILE A 385 9.47 19.09 0.72
CA ILE A 385 8.18 18.41 0.85
C ILE A 385 8.07 17.42 -0.32
N ARG A 386 7.39 16.29 -0.05
CA ARG A 386 7.10 15.31 -1.06
C ARG A 386 5.74 14.68 -0.73
N ASN A 387 5.10 14.12 -1.74
CA ASN A 387 3.86 13.34 -1.54
C ASN A 387 4.19 11.88 -1.39
N TRP A 388 3.27 11.16 -0.76
CA TRP A 388 3.41 9.75 -0.50
C TRP A 388 2.01 9.16 -0.22
N SER A 389 1.95 7.85 -0.08
CA SER A 389 0.76 7.18 0.35
C SER A 389 1.15 6.06 1.29
N ASN A 390 0.19 5.65 2.11
CA ASN A 390 0.36 4.49 2.95
C ASN A 390 -0.84 3.61 2.89
N GLY A 391 -0.68 2.38 2.39
CA GLY A 391 -1.75 1.38 2.44
C GLY A 391 -1.97 1.00 3.90
N GLN A 392 -3.20 1.02 4.38
CA GLN A 392 -3.55 0.67 5.75
C GLN A 392 -3.86 -0.83 5.72
N TRP A 393 -2.80 -1.62 5.70
CA TRP A 393 -2.84 -3.00 5.29
C TRP A 393 -3.22 -4.06 6.35
N LEU A 394 -3.61 -3.64 7.55
CA LEU A 394 -4.17 -4.52 8.56
C LEU A 394 -5.42 -3.86 9.08
N THR A 395 -6.38 -4.66 9.54
CA THR A 395 -7.55 -4.12 10.23
C THR A 395 -7.10 -3.91 11.70
N ASP A 396 -6.15 -3.00 11.88
CA ASP A 396 -5.52 -2.66 13.18
C ASP A 396 -4.73 -1.38 13.04
N GLY A 397 -4.75 -0.54 14.07
CA GLY A 397 -4.03 0.73 14.07
C GLY A 397 -2.52 0.63 14.01
N LEU A 398 -1.91 -0.57 14.17
CA LEU A 398 -0.46 -0.69 14.13
C LEU A 398 0.09 -0.27 12.75
N THR A 399 -0.64 -0.57 11.68
CA THR A 399 -0.23 -0.18 10.33
C THR A 399 -1.00 1.09 9.97
N THR A 400 -0.36 2.18 9.57
CA THR A 400 1.08 2.38 9.30
C THR A 400 1.72 3.37 10.25
N MET A 401 1.01 3.83 11.31
CA MET A 401 1.65 4.70 12.27
C MET A 401 2.88 4.01 12.89
N VAL A 402 2.81 2.71 13.21
CA VAL A 402 3.98 2.03 13.75
C VAL A 402 4.85 1.47 12.62
N SER A 403 4.24 0.81 11.61
CA SER A 403 5.04 0.15 10.58
C SER A 403 5.85 1.11 9.72
N GLU A 404 5.39 2.35 9.54
CA GLU A 404 6.19 3.36 8.84
C GLU A 404 6.84 4.42 9.76
N PHE A 405 6.12 4.92 10.78
CA PHE A 405 6.59 6.03 11.59
C PHE A 405 7.26 5.63 12.92
N GLY A 406 7.28 4.34 13.23
CA GLY A 406 7.84 3.81 14.43
C GLY A 406 9.35 3.83 14.53
N PRO A 407 9.89 3.46 15.69
CA PRO A 407 11.34 3.53 15.90
C PRO A 407 12.13 2.65 14.94
N GLY A 408 13.28 3.12 14.45
CA GLY A 408 14.10 2.33 13.53
C GLY A 408 13.55 2.17 12.12
N ARG A 409 12.34 2.68 11.83
CA ARG A 409 11.72 2.53 10.52
C ARG A 409 12.08 3.77 9.60
N GLY A 410 11.59 3.79 8.36
CA GLY A 410 11.99 4.78 7.36
C GLY A 410 11.81 6.25 7.64
N VAL A 411 10.66 6.65 8.19
CA VAL A 411 10.40 8.08 8.43
C VAL A 411 11.41 8.66 9.44
N GLN A 412 11.75 7.87 10.47
CA GLN A 412 12.72 8.30 11.46
C GLN A 412 14.14 8.11 10.95
N LYS A 413 14.46 6.97 10.37
CA LYS A 413 15.85 6.66 9.98
C LYS A 413 16.35 7.34 8.70
N ARG A 414 15.53 7.36 7.66
CA ARG A 414 15.88 7.92 6.36
C ARG A 414 15.46 9.40 6.26
N TRP A 415 14.25 9.73 6.69
CA TRP A 415 13.73 11.10 6.58
C TRP A 415 13.89 11.96 7.82
N GLY A 416 14.55 11.43 8.85
CA GLY A 416 14.95 12.18 10.02
C GLY A 416 13.94 12.75 10.98
N TRP A 417 12.79 12.11 11.15
CA TRP A 417 11.85 12.58 12.17
C TRP A 417 12.45 12.21 13.54
N LYS A 418 12.58 13.17 14.44
CA LYS A 418 13.06 13.00 15.79
C LYS A 418 11.78 12.83 16.57
N ALA A 419 11.29 11.59 16.65
CA ALA A 419 10.06 11.32 17.37
C ALA A 419 10.36 11.45 18.85
N PRO A 420 9.45 11.98 19.68
CA PRO A 420 9.70 11.97 21.13
C PRO A 420 9.94 10.54 21.64
N ALA A 421 10.77 10.37 22.68
CA ALA A 421 11.02 9.06 23.28
C ALA A 421 9.71 8.35 23.63
N GLU A 422 8.71 9.13 24.09
CA GLU A 422 7.41 8.58 24.51
C GLU A 422 6.72 7.86 23.36
N PHE A 423 6.77 8.46 22.16
CA PHE A 423 6.18 7.86 20.95
C PHE A 423 6.83 6.48 20.68
N ASN A 424 8.17 6.42 20.72
CA ASN A 424 8.85 5.16 20.40
C ASN A 424 8.60 4.10 21.46
N ASN A 425 8.43 4.49 22.73
CA ASN A 425 8.10 3.55 23.81
C ASN A 425 6.69 3.00 23.59
N LEU A 426 5.71 3.85 23.24
CA LEU A 426 4.34 3.39 22.98
C LEU A 426 4.20 2.53 21.70
N CYS A 427 5.04 2.76 20.68
CA CYS A 427 5.05 1.91 19.49
C CYS A 427 5.42 0.48 19.89
N ASP A 428 6.43 0.35 20.77
CA ASP A 428 6.87 -0.93 21.29
C ASP A 428 5.74 -1.60 22.11
N GLN A 429 5.00 -0.83 22.91
CA GLN A 429 3.88 -1.36 23.69
C GLN A 429 2.74 -1.94 22.84
N VAL A 430 2.20 -1.18 21.86
CA VAL A 430 1.07 -1.67 21.06
C VAL A 430 1.37 -2.96 20.27
N ALA A 431 2.65 -3.25 20.00
CA ALA A 431 3.04 -4.46 19.29
C ALA A 431 2.94 -5.69 20.19
N GLN A 432 3.24 -5.52 21.52
CA GLN A 432 3.22 -6.63 22.48
C GLN A 432 1.94 -6.73 23.33
N LEU A 433 1.07 -5.70 23.33
CA LEU A 433 -0.16 -5.76 24.11
C LEU A 433 -1.26 -6.45 23.33
N LYS A 434 -2.10 -7.23 24.01
CA LYS A 434 -3.25 -7.87 23.38
C LYS A 434 -4.37 -6.80 23.19
N ASP A 435 -5.40 -7.11 22.39
CA ASP A 435 -6.52 -6.21 22.15
C ASP A 435 -7.16 -5.73 23.47
N GLY A 436 -7.34 -4.43 23.65
CA GLY A 436 -7.94 -3.92 24.87
C GLY A 436 -7.83 -2.44 25.08
N GLU A 437 -8.23 -2.01 26.29
CA GLU A 437 -8.20 -0.61 26.66
C GLU A 437 -6.80 -0.03 26.70
N GLU A 438 -5.79 -0.79 27.15
CA GLU A 438 -4.42 -0.29 27.21
C GLU A 438 -3.89 -0.06 25.81
N ARG A 439 -4.19 -0.95 24.89
CA ARG A 439 -3.78 -0.81 23.51
C ARG A 439 -4.47 0.39 22.86
N SER A 440 -5.78 0.56 23.11
CA SER A 440 -6.52 1.71 22.61
C SER A 440 -6.01 3.00 23.20
N ALA A 441 -5.70 2.99 24.50
CA ALA A 441 -5.16 4.16 25.17
C ALA A 441 -3.80 4.53 24.57
N ALA A 442 -2.97 3.53 24.22
CA ALA A 442 -1.65 3.81 23.67
C ALA A 442 -1.79 4.42 22.29
N PHE A 443 -2.73 3.90 21.46
CA PHE A 443 -2.98 4.44 20.13
C PHE A 443 -3.53 5.87 20.18
N ASN A 444 -4.33 6.18 21.21
CA ASN A 444 -4.83 7.55 21.38
C ASN A 444 -3.67 8.51 21.61
N ARG A 445 -2.73 8.14 22.50
CA ARG A 445 -1.58 8.99 22.79
C ARG A 445 -0.62 9.08 21.59
N LEU A 446 -0.38 7.95 20.91
CA LEU A 446 0.45 7.97 19.70
C LEU A 446 -0.14 8.91 18.62
N ARG A 447 -1.46 8.92 18.47
CA ARG A 447 -2.12 9.79 17.50
C ARG A 447 -2.03 11.26 17.90
N ASP A 448 -2.07 11.54 19.20
CA ASP A 448 -1.93 12.90 19.70
C ASP A 448 -0.50 13.41 19.43
N ILE A 449 0.50 12.58 19.64
CA ILE A 449 1.90 12.99 19.37
C ILE A 449 2.07 13.20 17.87
N PHE A 450 1.56 12.26 17.06
CA PHE A 450 1.64 12.35 15.59
C PHE A 450 1.05 13.67 15.09
N GLU A 451 -0.14 14.03 15.55
CA GLU A 451 -0.81 15.29 15.16
C GLU A 451 -0.02 16.52 15.59
N ASP A 452 0.54 16.50 16.81
CA ASP A 452 1.34 17.59 17.35
C ASP A 452 2.67 17.74 16.58
N GLU A 453 3.32 16.63 16.26
CA GLU A 453 4.61 16.62 15.58
C GLU A 453 4.52 16.79 14.05
N ALA A 454 3.42 16.37 13.45
CA ALA A 454 3.21 16.47 12.01
C ALA A 454 4.42 15.96 11.16
N PRO A 455 4.95 14.74 11.40
CA PRO A 455 6.02 14.22 10.50
C PRO A 455 5.48 14.03 9.05
N ALA A 456 4.17 13.85 8.93
CA ALA A 456 3.43 13.77 7.69
C ALA A 456 2.06 14.38 7.95
N VAL A 457 1.39 14.83 6.87
CA VAL A 457 0.08 15.42 6.95
C VAL A 457 -0.82 14.53 6.15
N LEU A 458 -1.85 14.00 6.80
CA LEU A 458 -2.80 13.09 6.23
C LEU A 458 -3.77 13.90 5.39
N MET A 459 -3.86 13.61 4.12
CA MET A 459 -4.74 14.35 3.21
C MET A 459 -6.15 13.70 3.21
N TYR A 460 -6.27 12.46 2.74
CA TYR A 460 -7.54 11.75 2.67
C TYR A 460 -7.34 10.30 2.24
N GLN A 461 -8.39 9.51 2.41
CA GLN A 461 -8.48 8.17 1.93
C GLN A 461 -9.00 8.35 0.48
N PRO A 462 -8.24 8.04 -0.59
CA PRO A 462 -8.76 8.29 -1.95
C PRO A 462 -9.90 7.35 -2.40
N TYR A 463 -10.71 7.83 -3.32
CA TYR A 463 -11.73 7.07 -3.98
C TYR A 463 -11.02 6.63 -5.26
N ASP A 464 -10.53 5.41 -5.27
CA ASP A 464 -9.71 4.92 -6.37
C ASP A 464 -10.61 4.67 -7.53
N VAL A 465 -10.29 5.24 -8.70
CA VAL A 465 -11.15 5.09 -9.87
C VAL A 465 -10.37 4.41 -11.00
N TYR A 466 -10.98 3.39 -11.58
CA TYR A 466 -10.48 2.66 -12.73
C TYR A 466 -11.48 2.94 -13.84
N ALA A 467 -11.08 2.64 -15.05
CA ALA A 467 -11.98 2.67 -16.18
C ALA A 467 -11.74 1.45 -17.03
N ALA A 468 -12.83 0.91 -17.62
CA ALA A 468 -12.74 -0.31 -18.40
C ALA A 468 -13.77 -0.42 -19.49
N ARG A 469 -13.46 -1.26 -20.50
CA ARG A 469 -14.39 -1.67 -21.55
C ARG A 469 -15.52 -2.44 -20.83
N LYS A 470 -16.76 -2.20 -21.23
CA LYS A 470 -17.90 -2.88 -20.58
C LYS A 470 -17.91 -4.40 -20.86
N ASP A 471 -17.16 -4.90 -21.86
CA ASP A 471 -17.02 -6.35 -22.11
C ASP A 471 -16.10 -7.04 -21.09
N VAL A 472 -15.33 -6.26 -20.30
CA VAL A 472 -14.43 -6.81 -19.29
C VAL A 472 -15.19 -6.73 -17.99
N GLN A 473 -15.59 -7.89 -17.46
CA GLN A 473 -16.36 -7.97 -16.25
C GLN A 473 -15.35 -8.18 -15.12
N TRP A 474 -15.19 -7.13 -14.29
CA TRP A 474 -14.20 -7.11 -13.20
C TRP A 474 -14.58 -5.99 -12.22
N SER A 475 -14.58 -6.26 -10.93
CA SER A 475 -14.92 -5.27 -9.95
C SER A 475 -13.68 -4.87 -9.12
N PRO A 476 -13.50 -3.57 -8.85
CA PRO A 476 -12.40 -3.17 -7.97
C PRO A 476 -12.64 -3.63 -6.54
N VAL A 477 -11.55 -3.74 -5.80
CA VAL A 477 -11.57 -4.08 -4.37
C VAL A 477 -11.09 -2.86 -3.56
N SER A 478 -11.43 -2.80 -2.26
CA SER A 478 -11.10 -1.68 -1.37
C SER A 478 -9.62 -1.63 -0.91
N PHE A 479 -8.70 -1.98 -1.78
CA PHE A 479 -7.26 -2.03 -1.49
C PHE A 479 -6.49 -1.70 -2.77
N GLU A 480 -5.23 -1.31 -2.63
CA GLU A 480 -4.36 -0.95 -3.74
C GLU A 480 -3.81 -2.18 -4.45
N THR A 481 -4.72 -2.96 -4.97
CA THR A 481 -4.44 -4.14 -5.77
C THR A 481 -5.65 -4.37 -6.75
N MET A 482 -5.48 -5.34 -7.64
CA MET A 482 -6.52 -5.83 -8.55
C MET A 482 -6.64 -7.31 -8.26
N GLU A 483 -7.88 -7.79 -7.98
CA GLU A 483 -8.14 -9.21 -7.74
C GLU A 483 -8.87 -9.76 -8.96
N PHE A 484 -8.33 -10.82 -9.59
CA PHE A 484 -8.99 -11.44 -10.75
C PHE A 484 -9.53 -12.84 -10.43
N ARG A 485 -9.20 -13.46 -9.28
CA ARG A 485 -9.76 -14.80 -8.97
C ARG A 485 -11.27 -14.67 -8.74
N GLY A 486 -12.07 -15.38 -9.54
CA GLY A 486 -13.52 -15.28 -9.49
C GLY A 486 -14.02 -13.87 -9.84
N ASN A 487 -13.17 -13.05 -10.47
CA ASN A 487 -13.49 -11.65 -10.70
C ASN A 487 -12.92 -11.13 -12.01
N LEU A 488 -12.92 -11.97 -13.05
CA LEU A 488 -12.47 -11.54 -14.37
C LEU A 488 -13.05 -12.44 -15.43
N ASN A 489 -13.99 -11.90 -16.21
CA ASN A 489 -14.60 -12.62 -17.31
C ASN A 489 -14.83 -11.70 -18.49
N PHE A 490 -14.76 -12.26 -19.70
CA PHE A 490 -14.97 -11.49 -20.91
C PHE A 490 -16.30 -11.85 -21.51
N LYS A 491 -17.05 -10.82 -21.89
CA LYS A 491 -18.37 -10.81 -22.55
C LYS A 491 -19.46 -10.57 -21.52
#